data_9MPB
#
_entry.id   9MPB
#
_cell.length_a   181.251
_cell.length_b   66.512
_cell.length_c   53.405
_cell.angle_alpha   90.00
_cell.angle_beta   103.18
_cell.angle_gamma   90.00
#
_symmetry.space_group_name_H-M   'C 1 2 1'
#
loop_
_entity.id
_entity.type
_entity.pdbx_description
1 polymer 'Fab heavy chain'
2 polymer 'Fab light chain'
3 water water
#
loop_
_entity_poly.entity_id
_entity_poly.type
_entity_poly.pdbx_seq_one_letter_code
_entity_poly.pdbx_strand_id
1 'polypeptide(L)'
;QCVEQLVESGGGLVQPGASLRLSCAASEFTFSDSDMHWVRQVPGQGLEWVSAISLGGDTHYPDSVKGRFTISRDNAKNSL
YLQMNSLRPEDTAVYYCARGGRGGYEDD(TYS)GYFYFIGGRRSLDVWGRGALVTVSSASTKGPSVFPLAPSSKSTSGGT
AALGCLVKDYFPEPVTVSWNSGALTSGVHTFPAVLQSSGLYSLSSVVTVPSSSLGTQTYICNVNHKPSNTKVDKKVEPKS
C
;
H
2 'polypeptide(L)'
;DIVMTQTPLSLPVTPGEPASISCRSSQSLLDSEAGNTYLDWYLQRPGQSPQLLIYEVSNRASGVPDRFSGSGSDTDFTLK
VSRVEAEDVGVYYCMQGIQLPYSFGQGTKVEIKRTVAAPSVFIFPPSDEQLKSGTASVVCLLNNFYPREAKVQWKVDNAL
QSGNSQESVTEQDSKDSTYSLSSTLTLSKADYEKHKVYACEVTHQGLSSPVTKSFNRGEC
;
L
#
# COMPACT_ATOMS: atom_id res chain seq x y z
N GLU A 4 -19.72 -6.38 7.90
CA GLU A 4 -19.87 -5.46 6.74
C GLU A 4 -18.56 -5.51 5.94
N GLN A 5 -18.66 -5.77 4.65
CA GLN A 5 -17.44 -5.92 3.82
C GLN A 5 -17.76 -5.46 2.38
N LEU A 6 -16.78 -4.88 1.71
CA LEU A 6 -16.91 -4.47 0.30
C LEU A 6 -15.72 -5.10 -0.42
N VAL A 7 -15.96 -5.78 -1.55
CA VAL A 7 -14.87 -6.50 -2.26
C VAL A 7 -14.89 -6.09 -3.73
N GLU A 8 -13.91 -5.32 -4.16
CA GLU A 8 -13.86 -4.81 -5.53
C GLU A 8 -13.31 -5.87 -6.47
N SER A 9 -13.77 -5.90 -7.71
CA SER A 9 -13.34 -6.81 -8.76
C SER A 9 -13.29 -5.99 -10.04
N GLY A 10 -12.54 -6.47 -10.99
CA GLY A 10 -12.43 -5.86 -12.30
C GLY A 10 -11.07 -5.25 -12.60
N GLY A 11 -10.17 -5.18 -11.62
CA GLY A 11 -9.01 -4.33 -11.82
C GLY A 11 -8.07 -5.04 -12.80
N GLY A 12 -7.06 -4.33 -13.28
CA GLY A 12 -6.12 -4.88 -14.26
C GLY A 12 -5.70 -3.79 -15.22
N LEU A 13 -5.24 -4.24 -16.37
CA LEU A 13 -4.59 -3.40 -17.37
C LEU A 13 -5.63 -3.04 -18.44
N VAL A 14 -5.56 -1.80 -18.94
CA VAL A 14 -6.40 -1.39 -20.06
C VAL A 14 -5.61 -0.38 -20.86
N GLN A 15 -5.83 -0.36 -22.26
CA GLN A 15 -4.99 0.60 -22.98
C GLN A 15 -5.59 2.02 -22.97
N PRO A 16 -4.76 3.04 -23.09
CA PRO A 16 -5.36 4.37 -23.12
C PRO A 16 -6.42 4.43 -24.23
N GLY A 17 -7.50 5.15 -23.95
CA GLY A 17 -8.63 5.24 -24.84
C GLY A 17 -9.67 4.16 -24.68
N ALA A 18 -9.36 3.05 -24.03
CA ALA A 18 -10.35 2.00 -23.88
C ALA A 18 -11.21 2.22 -22.63
N SER A 19 -11.99 1.21 -22.30
CA SER A 19 -12.91 1.23 -21.21
C SER A 19 -12.76 -0.03 -20.34
N LEU A 20 -13.13 0.14 -19.07
CA LEU A 20 -12.96 -0.88 -18.05
C LEU A 20 -14.07 -0.69 -17.02
N ARG A 21 -14.67 -1.77 -16.58
CA ARG A 21 -15.78 -1.69 -15.64
C ARG A 21 -15.37 -2.37 -14.34
N LEU A 22 -15.40 -1.61 -13.24
CA LEU A 22 -15.18 -2.20 -11.91
C LEU A 22 -16.52 -2.57 -11.28
N SER A 23 -16.50 -3.62 -10.48
CA SER A 23 -17.64 -3.99 -9.67
C SER A 23 -17.21 -4.03 -8.21
N CYS A 24 -18.20 -3.95 -7.34
CA CYS A 24 -17.98 -4.02 -5.88
C CYS A 24 -19.11 -4.85 -5.26
N ALA A 25 -18.78 -5.95 -4.61
CA ALA A 25 -19.76 -6.81 -3.96
C ALA A 25 -19.83 -6.50 -2.46
N ALA A 26 -21.05 -6.26 -1.99
CA ALA A 26 -21.29 -5.92 -0.58
C ALA A 26 -21.82 -7.14 0.16
N SER A 27 -21.45 -7.30 1.43
CA SER A 27 -21.86 -8.46 2.23
C SER A 27 -22.07 -8.07 3.70
N GLU A 28 -23.01 -8.73 4.38
CA GLU A 28 -23.28 -8.50 5.83
C GLU A 28 -23.85 -7.09 6.08
N PHE A 29 -24.56 -6.52 5.12
CA PHE A 29 -25.26 -5.23 5.35
C PHE A 29 -26.32 -5.11 4.26
N THR A 30 -27.42 -4.39 4.55
CA THR A 30 -28.50 -4.17 3.57
C THR A 30 -27.98 -3.15 2.59
N PHE A 31 -27.46 -3.62 1.46
CA PHE A 31 -26.81 -2.74 0.46
C PHE A 31 -27.75 -1.68 -0.03
N SER A 32 -29.01 -2.02 -0.34
CA SER A 32 -29.87 -1.01 -0.97
C SER A 32 -30.17 0.18 -0.04
N ASP A 33 -29.86 0.07 1.25
CA ASP A 33 -30.12 1.15 2.19
C ASP A 33 -28.91 2.07 2.45
N SER A 34 -27.88 2.06 1.60
CA SER A 34 -26.76 3.00 1.74
C SER A 34 -26.43 3.71 0.46
N ASP A 35 -26.03 4.98 0.57
CA ASP A 35 -25.34 5.62 -0.54
C ASP A 35 -23.99 4.94 -0.70
N MET A 36 -23.44 5.03 -1.91
CA MET A 36 -22.20 4.32 -2.25
C MET A 36 -21.30 5.26 -3.05
N HIS A 37 -19.97 5.19 -2.83
CA HIS A 37 -19.03 6.12 -3.42
C HIS A 37 -17.84 5.32 -3.94
N TRP A 38 -17.07 5.94 -4.85
CA TRP A 38 -15.77 5.45 -5.35
C TRP A 38 -14.79 6.58 -5.04
N VAL A 39 -13.60 6.21 -4.52
CA VAL A 39 -12.49 7.11 -4.23
C VAL A 39 -11.25 6.42 -4.81
N ARG A 40 -10.37 7.18 -5.41
CA ARG A 40 -9.18 6.60 -6.00
C ARG A 40 -7.90 7.22 -5.40
N GLN A 41 -6.82 6.46 -5.53
CA GLN A 41 -5.53 6.86 -5.01
C GLN A 41 -4.42 6.35 -5.94
N VAL A 42 -3.67 7.25 -6.52
CA VAL A 42 -2.44 6.83 -7.21
C VAL A 42 -1.45 6.33 -6.16
N PRO A 43 -0.84 5.16 -6.31
CA PRO A 43 0.08 4.66 -5.29
C PRO A 43 1.12 5.70 -4.93
N GLY A 44 1.26 5.92 -3.63
CA GLY A 44 2.19 6.87 -3.07
C GLY A 44 1.62 8.25 -2.93
N GLN A 45 0.37 8.50 -3.36
CA GLN A 45 -0.20 9.82 -3.36
C GLN A 45 -1.43 9.80 -2.48
N GLY A 46 -2.18 10.88 -2.50
CA GLY A 46 -3.34 11.06 -1.65
C GLY A 46 -4.65 10.59 -2.29
N LEU A 47 -5.76 11.08 -1.76
CA LEU A 47 -7.04 10.46 -2.11
C LEU A 47 -7.84 11.48 -2.92
N GLU A 48 -8.65 10.99 -3.87
CA GLU A 48 -9.47 11.84 -4.73
C GLU A 48 -10.82 11.16 -4.88
N TRP A 49 -11.86 11.87 -4.55
CA TRP A 49 -13.23 11.37 -4.66
C TRP A 49 -13.62 11.29 -6.14
N VAL A 50 -14.20 10.15 -6.55
CA VAL A 50 -14.48 9.86 -7.97
C VAL A 50 -15.97 9.93 -8.30
N SER A 51 -16.83 9.42 -7.44
CA SER A 51 -18.25 9.35 -7.82
C SER A 51 -19.11 8.87 -6.63
N ALA A 52 -20.41 9.18 -6.68
CA ALA A 52 -21.34 8.64 -5.68
C ALA A 52 -22.74 8.45 -6.27
N ILE A 53 -23.48 7.48 -5.71
CA ILE A 53 -24.83 7.18 -6.14
C ILE A 53 -25.69 7.03 -4.89
N SER A 54 -26.81 7.77 -4.81
CA SER A 54 -27.66 7.73 -3.63
C SER A 54 -28.49 6.45 -3.61
N LEU A 55 -29.22 6.25 -2.50
CA LEU A 55 -30.00 5.01 -2.48
C LEU A 55 -31.18 5.04 -3.47
N GLY A 56 -31.49 6.20 -4.07
CA GLY A 56 -32.48 6.31 -5.14
C GLY A 56 -31.92 6.34 -6.55
N GLY A 57 -30.61 6.04 -6.74
CA GLY A 57 -29.99 6.01 -8.04
C GLY A 57 -29.61 7.36 -8.64
N ASP A 58 -29.68 8.45 -7.88
CA ASP A 58 -29.09 9.71 -8.37
C ASP A 58 -27.56 9.59 -8.33
N THR A 59 -26.85 10.14 -9.37
CA THR A 59 -25.40 10.02 -9.52
C THR A 59 -24.72 11.39 -9.47
N HIS A 60 -23.46 11.42 -9.03
CA HIS A 60 -22.68 12.63 -8.87
C HIS A 60 -21.23 12.40 -9.28
N TYR A 61 -20.59 13.45 -9.82
CA TYR A 61 -19.26 13.33 -10.41
C TYR A 61 -18.46 14.62 -10.24
N PRO A 62 -17.16 14.52 -10.02
CA PRO A 62 -16.29 15.69 -10.14
C PRO A 62 -15.97 15.84 -11.61
N ASP A 63 -15.37 16.98 -11.95
CA ASP A 63 -15.17 17.26 -13.37
C ASP A 63 -14.04 16.43 -13.97
N SER A 64 -13.08 15.97 -13.15
CA SER A 64 -11.99 15.17 -13.70
C SER A 64 -12.48 13.88 -14.40
N VAL A 65 -13.70 13.39 -14.06
CA VAL A 65 -14.21 12.15 -14.63
C VAL A 65 -15.60 12.33 -15.23
N LYS A 66 -16.27 13.46 -14.91
CA LYS A 66 -17.57 13.77 -15.50
C LYS A 66 -17.50 13.70 -17.04
N GLY A 67 -18.45 12.99 -17.63
CA GLY A 67 -18.42 12.74 -19.05
C GLY A 67 -17.73 11.44 -19.46
N ARG A 68 -16.90 10.85 -18.58
CA ARG A 68 -16.18 9.62 -18.93
C ARG A 68 -16.50 8.41 -18.05
N PHE A 69 -16.80 8.60 -16.77
CA PHE A 69 -17.20 7.51 -15.88
C PHE A 69 -18.69 7.55 -15.58
N THR A 70 -19.26 6.37 -15.39
CA THR A 70 -20.65 6.21 -14.98
C THR A 70 -20.75 5.21 -13.82
N ILE A 71 -21.37 5.66 -12.72
CA ILE A 71 -21.63 4.80 -11.56
C ILE A 71 -23.04 4.25 -11.66
N SER A 72 -23.24 3.04 -11.18
CA SER A 72 -24.54 2.41 -11.27
C SER A 72 -24.57 1.37 -10.18
N ARG A 73 -25.78 0.90 -9.86
CA ARG A 73 -25.96 -0.15 -8.86
C ARG A 73 -27.08 -1.09 -9.24
N ASP A 74 -26.96 -2.31 -8.78
CA ASP A 74 -27.96 -3.36 -8.99
C ASP A 74 -28.17 -3.97 -7.62
N ASN A 75 -29.21 -3.50 -6.94
CA ASN A 75 -29.50 -3.97 -5.58
C ASN A 75 -29.82 -5.46 -5.52
N ALA A 76 -30.50 -5.98 -6.53
CA ALA A 76 -30.77 -7.42 -6.59
C ALA A 76 -29.48 -8.21 -6.39
N LYS A 77 -28.35 -7.75 -6.96
CA LYS A 77 -27.07 -8.42 -6.88
C LYS A 77 -26.16 -7.89 -5.78
N ASN A 78 -26.60 -6.94 -4.96
CA ASN A 78 -25.74 -6.36 -3.92
C ASN A 78 -24.42 -5.87 -4.51
N SER A 79 -24.49 -5.16 -5.64
CA SER A 79 -23.28 -4.73 -6.35
C SER A 79 -23.37 -3.29 -6.84
N LEU A 80 -22.24 -2.62 -6.75
CA LEU A 80 -21.96 -1.30 -7.28
C LEU A 80 -21.00 -1.45 -8.46
N TYR A 81 -21.12 -0.57 -9.45
CA TYR A 81 -20.33 -0.63 -10.69
C TYR A 81 -19.73 0.73 -10.96
N LEU A 82 -18.52 0.74 -11.49
CA LEU A 82 -17.98 1.96 -12.06
C LEU A 82 -17.47 1.64 -13.46
N GLN A 83 -18.15 2.20 -14.47
CA GLN A 83 -17.83 2.00 -15.88
C GLN A 83 -16.95 3.16 -16.25
N MET A 84 -15.74 2.86 -16.74
CA MET A 84 -14.77 3.90 -17.02
C MET A 84 -14.47 3.85 -18.52
N ASN A 85 -14.57 5.00 -19.20
CA ASN A 85 -14.38 5.09 -20.64
C ASN A 85 -13.37 6.17 -20.97
N SER A 86 -12.79 6.05 -22.15
CA SER A 86 -11.81 6.99 -22.68
C SER A 86 -10.63 7.17 -21.68
N LEU A 87 -10.09 6.03 -21.18
CA LEU A 87 -9.17 6.12 -20.04
C LEU A 87 -7.88 6.78 -20.47
N ARG A 88 -7.33 7.50 -19.63
CA ARG A 88 -6.04 8.14 -19.76
C ARG A 88 -5.00 7.58 -18.78
N PRO A 89 -3.72 7.67 -19.15
CA PRO A 89 -2.67 7.28 -18.20
C PRO A 89 -2.87 7.82 -16.82
N GLU A 90 -3.36 9.06 -16.67
CA GLU A 90 -3.52 9.66 -15.36
C GLU A 90 -4.70 9.11 -14.56
N ASP A 91 -5.52 8.27 -15.12
CA ASP A 91 -6.53 7.58 -14.33
C ASP A 91 -5.98 6.33 -13.65
N THR A 92 -4.71 6.00 -13.87
CA THR A 92 -4.07 4.85 -13.21
C THR A 92 -4.12 5.09 -11.71
N ALA A 93 -4.71 4.15 -10.97
CA ALA A 93 -4.90 4.34 -9.52
C ALA A 93 -5.57 3.10 -8.91
N VAL A 94 -5.52 3.04 -7.61
CA VAL A 94 -6.29 2.09 -6.85
C VAL A 94 -7.67 2.77 -6.65
N TYR A 95 -8.76 2.03 -6.89
CA TYR A 95 -10.14 2.51 -6.81
C TYR A 95 -10.76 1.73 -5.71
N TYR A 96 -11.28 2.43 -4.71
CA TYR A 96 -11.93 1.89 -3.55
C TYR A 96 -13.42 2.14 -3.64
N CYS A 97 -14.26 1.26 -3.40
CA CYS A 97 -15.65 1.51 -3.04
C CYS A 97 -15.82 1.64 -1.54
N ALA A 98 -16.76 2.53 -1.22
CA ALA A 98 -16.92 2.90 0.18
C ALA A 98 -18.39 3.23 0.42
N ARG A 99 -18.87 2.91 1.58
CA ARG A 99 -20.25 3.16 1.97
C ARG A 99 -20.40 4.54 2.59
N GLY A 100 -21.43 5.28 2.14
CA GLY A 100 -21.70 6.64 2.55
C GLY A 100 -22.93 6.73 3.50
N GLY A 101 -23.79 7.73 3.29
CA GLY A 101 -24.95 7.91 4.17
C GLY A 101 -25.84 6.68 4.20
N ARG A 102 -26.36 6.41 5.40
CA ARG A 102 -27.30 5.29 5.60
C ARG A 102 -28.73 5.85 5.61
N GLY A 103 -29.68 5.04 5.15
CA GLY A 103 -31.07 5.42 5.04
C GLY A 103 -32.00 4.26 4.73
N GLY A 104 -33.00 4.50 3.89
CA GLY A 104 -33.96 3.48 3.56
C GLY A 104 -35.11 4.10 2.79
N TYR A 105 -36.14 3.27 2.66
CA TYR A 105 -37.36 3.59 1.90
C TYR A 105 -38.53 2.97 2.66
N GLU A 106 -39.60 3.75 2.89
CA GLU A 106 -40.68 3.20 3.70
C GLU A 106 -41.95 2.88 2.95
N ASP A 107 -42.16 3.45 1.77
CA ASP A 107 -43.23 3.06 0.84
C ASP A 107 -44.57 3.76 1.11
N ASP A 108 -44.69 4.53 2.18
CA ASP A 108 -45.81 5.45 2.26
C ASP A 108 -45.19 6.85 2.13
N TYS A 109 -44.06 7.05 2.81
CA TYS A 109 -43.44 8.35 2.98
CB TYS A 109 -43.11 8.59 4.46
CG TYS A 109 -44.19 9.16 5.37
CD1 TYS A 109 -44.09 10.48 5.79
CD2 TYS A 109 -45.29 8.47 5.90
CE1 TYS A 109 -45.01 11.08 6.64
CE2 TYS A 109 -46.24 9.00 6.73
CZ TYS A 109 -46.09 10.34 7.11
OH TYS A 109 -46.97 11.00 7.94
S TYS A 109 -48.29 10.24 8.72
O1 TYS A 109 -47.87 10.08 10.14
O2 TYS A 109 -48.53 8.98 7.97
O3 TYS A 109 -49.35 11.24 8.50
C TYS A 109 -42.18 8.53 2.16
O TYS A 109 -41.64 9.65 2.07
N GLY A 110 -41.69 7.44 1.58
CA GLY A 110 -40.56 7.51 0.67
C GLY A 110 -39.14 7.31 1.25
N TYR A 111 -38.14 7.86 0.54
CA TYR A 111 -36.75 7.71 0.95
C TYR A 111 -36.51 8.49 2.23
N PHE A 112 -35.69 7.94 3.15
CA PHE A 112 -35.18 8.70 4.29
C PHE A 112 -33.67 8.51 4.48
N TYR A 113 -33.06 9.40 5.28
CA TYR A 113 -31.65 9.28 5.72
C TYR A 113 -31.55 9.36 7.24
N PHE A 114 -30.70 8.53 7.82
CA PHE A 114 -30.31 8.81 9.21
C PHE A 114 -29.46 10.07 9.27
N ILE A 115 -29.68 10.87 10.32
CA ILE A 115 -28.95 12.13 10.51
C ILE A 115 -27.48 11.91 10.78
N GLY A 116 -27.12 10.81 11.49
CA GLY A 116 -25.73 10.64 11.91
C GLY A 116 -24.85 9.94 10.88
N GLY A 117 -23.68 10.50 10.61
CA GLY A 117 -22.77 9.91 9.63
C GLY A 117 -23.17 10.09 8.17
N ARG A 118 -24.04 11.07 7.87
CA ARG A 118 -24.62 11.16 6.53
C ARG A 118 -23.54 11.46 5.48
N ARG A 119 -22.50 12.20 5.84
CA ARG A 119 -21.53 12.60 4.83
C ARG A 119 -20.15 12.01 5.13
N SER A 120 -20.17 10.83 5.73
CA SER A 120 -18.94 10.10 6.06
C SER A 120 -18.88 8.79 5.30
N LEU A 121 -17.64 8.30 5.08
CA LEU A 121 -17.40 7.01 4.43
C LEU A 121 -16.91 6.03 5.50
N ASP A 122 -17.82 5.18 5.98
CA ASP A 122 -17.54 4.42 7.18
C ASP A 122 -17.07 3.00 6.91
N VAL A 123 -17.27 2.47 5.71
CA VAL A 123 -16.80 1.14 5.32
C VAL A 123 -16.08 1.29 3.98
N TRP A 124 -14.84 0.75 3.87
CA TRP A 124 -14.06 0.86 2.63
C TRP A 124 -13.66 -0.54 2.18
N GLY A 125 -13.65 -0.76 0.83
CA GLY A 125 -13.12 -1.98 0.27
C GLY A 125 -11.58 -1.98 0.26
N ARG A 126 -11.03 -3.12 -0.14
CA ARG A 126 -9.58 -3.27 -0.23
C ARG A 126 -8.98 -2.56 -1.45
N GLY A 127 -9.78 -2.16 -2.42
CA GLY A 127 -9.18 -1.43 -3.54
C GLY A 127 -8.95 -2.36 -4.75
N ALA A 128 -9.03 -1.78 -5.95
CA ALA A 128 -8.69 -2.51 -7.20
C ALA A 128 -7.80 -1.60 -8.02
N LEU A 129 -6.60 -2.07 -8.30
CA LEU A 129 -5.66 -1.28 -9.06
C LEU A 129 -6.05 -1.36 -10.55
N VAL A 130 -6.21 -0.18 -11.17
CA VAL A 130 -6.44 -0.09 -12.60
C VAL A 130 -5.20 0.56 -13.20
N THR A 131 -4.56 -0.08 -14.15
CA THR A 131 -3.38 0.46 -14.80
C THR A 131 -3.71 0.78 -16.26
N VAL A 132 -3.41 2.01 -16.70
CA VAL A 132 -3.79 2.45 -18.06
C VAL A 132 -2.49 2.66 -18.80
N SER A 133 -2.16 1.75 -19.72
CA SER A 133 -0.83 1.61 -20.30
C SER A 133 -0.96 0.91 -21.62
N SER A 134 -0.08 1.22 -22.56
CA SER A 134 -0.07 0.46 -23.80
C SER A 134 0.92 -0.72 -23.74
N ALA A 135 1.55 -0.96 -22.60
CA ALA A 135 2.29 -2.22 -22.45
C ALA A 135 1.30 -3.36 -22.28
N SER A 136 1.77 -4.57 -22.47
CA SER A 136 0.96 -5.79 -22.38
C SER A 136 1.26 -6.52 -21.07
N THR A 137 0.34 -7.41 -20.71
CA THR A 137 0.49 -8.27 -19.54
C THR A 137 1.66 -9.23 -19.72
N LYS A 138 2.43 -9.42 -18.65
CA LYS A 138 3.57 -10.34 -18.62
C LYS A 138 3.56 -10.97 -17.25
N GLY A 139 3.45 -12.28 -17.19
CA GLY A 139 3.62 -12.96 -15.92
C GLY A 139 5.06 -13.07 -15.39
N PRO A 140 5.18 -13.18 -14.07
CA PRO A 140 6.51 -13.17 -13.45
C PRO A 140 7.24 -14.49 -13.58
N SER A 141 8.58 -14.43 -13.45
CA SER A 141 9.34 -15.58 -12.97
C SER A 141 9.55 -15.51 -11.46
N VAL A 142 9.52 -16.65 -10.77
CA VAL A 142 9.73 -16.73 -9.32
C VAL A 142 11.00 -17.55 -9.09
N PHE A 143 11.97 -16.94 -8.49
CA PHE A 143 13.23 -17.56 -8.20
C PHE A 143 13.45 -17.62 -6.69
N PRO A 144 14.08 -18.69 -6.16
CA PRO A 144 14.39 -18.74 -4.71
C PRO A 144 15.58 -17.91 -4.33
N LEU A 145 15.47 -17.23 -3.18
CA LEU A 145 16.61 -16.67 -2.48
C LEU A 145 16.97 -17.64 -1.34
N ALA A 146 17.94 -18.52 -1.59
CA ALA A 146 18.19 -19.65 -0.69
C ALA A 146 18.90 -19.15 0.55
N PRO A 147 18.62 -19.72 1.71
CA PRO A 147 19.33 -19.31 2.91
C PRO A 147 20.76 -19.82 2.85
N SER A 148 21.66 -19.01 3.42
CA SER A 148 23.10 -19.13 3.19
C SER A 148 23.71 -20.11 4.18
N SER A 149 24.95 -20.47 3.91
CA SER A 149 25.80 -21.22 4.83
C SER A 149 26.98 -20.35 5.31
N GLY A 155 21.82 -18.70 15.22
CA GLY A 155 21.37 -17.33 15.09
C GLY A 155 20.18 -17.31 14.11
N THR A 156 20.13 -16.23 13.30
CA THR A 156 18.99 -15.93 12.46
C THR A 156 19.41 -16.12 11.01
N ALA A 157 18.55 -16.69 10.21
CA ALA A 157 18.80 -16.87 8.80
C ALA A 157 17.76 -16.08 8.01
N ALA A 158 18.09 -15.69 6.78
CA ALA A 158 17.13 -15.00 5.93
C ALA A 158 16.96 -15.82 4.65
N LEU A 159 15.74 -15.83 4.12
CA LEU A 159 15.43 -16.46 2.84
C LEU A 159 14.30 -15.67 2.19
N GLY A 160 14.01 -16.00 0.92
CA GLY A 160 12.97 -15.28 0.21
C GLY A 160 12.73 -15.82 -1.18
N CYS A 161 11.97 -15.12 -1.91
CA CYS A 161 11.68 -15.27 -3.34
C CYS A 161 11.80 -13.93 -4.06
N LEU A 162 12.34 -14.03 -5.23
CA LEU A 162 12.46 -12.93 -6.19
C LEU A 162 11.39 -13.14 -7.26
N VAL A 163 10.46 -12.20 -7.34
CA VAL A 163 9.39 -12.23 -8.32
C VAL A 163 9.76 -11.24 -9.40
N LYS A 164 10.25 -11.75 -10.54
CA LYS A 164 10.90 -10.86 -11.51
C LYS A 164 10.09 -10.74 -12.80
N ASP A 165 10.12 -9.53 -13.37
CA ASP A 165 9.73 -9.23 -14.73
C ASP A 165 8.26 -9.47 -15.03
N TYR A 166 7.40 -8.63 -14.42
CA TYR A 166 5.97 -8.74 -14.57
C TYR A 166 5.31 -7.39 -14.84
N PHE A 167 4.10 -7.47 -15.43
CA PHE A 167 3.38 -6.26 -15.75
C PHE A 167 1.93 -6.63 -15.89
N PRO A 168 0.94 -5.82 -15.47
CA PRO A 168 1.10 -4.64 -14.59
C PRO A 168 1.20 -5.04 -13.14
N GLU A 169 1.27 -4.06 -12.25
CA GLU A 169 1.09 -4.40 -10.82
C GLU A 169 -0.38 -4.85 -10.70
N PRO A 170 -0.81 -5.58 -9.65
CA PRO A 170 0.06 -6.00 -8.53
C PRO A 170 0.31 -7.49 -8.43
N VAL A 171 1.32 -7.91 -7.67
CA VAL A 171 1.49 -9.32 -7.32
C VAL A 171 1.32 -9.40 -5.80
N THR A 172 0.69 -10.45 -5.30
CA THR A 172 0.69 -10.71 -3.86
C THR A 172 1.55 -11.93 -3.53
N VAL A 173 2.14 -11.90 -2.33
CA VAL A 173 3.02 -12.95 -1.88
C VAL A 173 2.61 -13.25 -0.45
N SER A 174 2.36 -14.51 -0.15
CA SER A 174 2.25 -15.05 1.21
C SER A 174 3.30 -16.16 1.39
N TRP A 175 3.53 -16.54 2.67
CA TRP A 175 4.42 -17.64 3.00
C TRP A 175 3.60 -18.77 3.68
N ASN A 176 3.87 -19.99 3.23
CA ASN A 176 3.28 -21.21 3.78
C ASN A 176 1.78 -21.08 3.89
N SER A 177 1.19 -20.57 2.82
CA SER A 177 -0.27 -20.33 2.66
C SER A 177 -0.83 -19.47 3.77
N GLY A 178 -0.05 -18.49 4.21
CA GLY A 178 -0.55 -17.56 5.17
C GLY A 178 -0.22 -17.95 6.59
N ALA A 179 0.25 -19.17 6.82
CA ALA A 179 0.62 -19.59 8.14
C ALA A 179 1.85 -18.89 8.67
N LEU A 180 2.73 -18.41 7.79
CA LEU A 180 3.97 -17.75 8.23
C LEU A 180 3.86 -16.26 7.93
N THR A 181 3.82 -15.42 8.99
CA THR A 181 3.68 -13.99 8.80
C THR A 181 4.71 -13.23 9.61
N SER A 182 5.17 -13.77 10.73
CA SER A 182 6.18 -13.04 11.50
C SER A 182 7.55 -13.09 10.77
N GLY A 183 8.21 -11.93 10.75
CA GLY A 183 9.51 -11.82 10.11
C GLY A 183 9.41 -11.68 8.63
N VAL A 184 8.20 -11.53 8.07
CA VAL A 184 8.04 -11.48 6.61
C VAL A 184 8.13 -10.04 6.16
N HIS A 185 8.95 -9.77 5.15
CA HIS A 185 8.91 -8.45 4.51
C HIS A 185 8.74 -8.64 3.01
N THR A 186 7.63 -8.16 2.47
CA THR A 186 7.46 -8.15 1.03
C THR A 186 7.64 -6.72 0.55
N PHE A 187 8.70 -6.48 -0.21
CA PHE A 187 9.05 -5.09 -0.61
C PHE A 187 8.10 -4.52 -1.68
N PRO A 188 7.89 -3.20 -1.69
CA PRO A 188 7.27 -2.53 -2.85
C PRO A 188 7.99 -2.91 -4.12
N ALA A 189 7.21 -3.12 -5.15
CA ALA A 189 7.81 -3.38 -6.44
C ALA A 189 8.58 -2.19 -6.97
N VAL A 190 9.60 -2.48 -7.78
CA VAL A 190 10.37 -1.47 -8.49
C VAL A 190 10.12 -1.65 -9.97
N LEU A 191 10.02 -0.54 -10.68
CA LEU A 191 9.91 -0.56 -12.14
C LEU A 191 11.32 -0.57 -12.76
N GLN A 192 11.59 -1.66 -13.44
CA GLN A 192 12.93 -1.82 -13.97
C GLN A 192 13.04 -0.99 -15.27
N SER A 193 14.26 -0.81 -15.76
CA SER A 193 14.44 -0.02 -17.00
C SER A 193 13.74 -0.65 -18.22
N SER A 194 13.59 -1.98 -18.22
CA SER A 194 12.87 -2.68 -19.28
C SER A 194 11.40 -2.31 -19.34
N GLY A 195 10.85 -1.68 -18.32
CA GLY A 195 9.44 -1.41 -18.20
C GLY A 195 8.64 -2.51 -17.49
N LEU A 196 9.29 -3.50 -16.93
CA LEU A 196 8.64 -4.52 -16.16
C LEU A 196 8.97 -4.33 -14.67
N TYR A 197 8.08 -4.80 -13.82
CA TYR A 197 8.25 -4.68 -12.37
C TYR A 197 9.02 -5.88 -11.85
N SER A 198 9.64 -5.73 -10.69
CA SER A 198 10.23 -6.83 -9.94
C SER A 198 10.12 -6.51 -8.45
N LEU A 199 9.92 -7.54 -7.65
CA LEU A 199 9.97 -7.40 -6.20
C LEU A 199 10.55 -8.67 -5.58
N SER A 200 10.95 -8.49 -4.33
CA SER A 200 11.44 -9.58 -3.49
C SER A 200 10.59 -9.67 -2.22
N SER A 201 10.39 -10.89 -1.74
CA SER A 201 9.71 -11.12 -0.48
C SER A 201 10.68 -11.92 0.35
N VAL A 202 10.96 -11.48 1.58
CA VAL A 202 11.95 -12.20 2.39
C VAL A 202 11.35 -12.56 3.76
N VAL A 203 11.95 -13.53 4.40
CA VAL A 203 11.58 -13.84 5.78
C VAL A 203 12.85 -14.19 6.57
N THR A 204 12.89 -13.77 7.83
CA THR A 204 13.98 -14.17 8.72
C THR A 204 13.43 -15.21 9.68
N VAL A 205 14.23 -16.26 9.90
CA VAL A 205 13.80 -17.42 10.67
C VAL A 205 14.99 -17.94 11.49
N PRO A 206 14.74 -18.79 12.46
CA PRO A 206 15.89 -19.40 13.16
C PRO A 206 16.73 -20.28 12.25
N SER A 207 18.04 -20.07 12.32
CA SER A 207 18.90 -20.94 11.51
C SER A 207 18.63 -22.40 11.83
N SER A 208 18.27 -22.68 13.09
CA SER A 208 18.11 -24.09 13.48
C SER A 208 16.91 -24.72 12.82
N SER A 209 16.01 -23.94 12.25
CA SER A 209 14.87 -24.51 11.54
C SER A 209 15.15 -24.93 10.11
N LEU A 210 16.32 -24.57 9.54
CA LEU A 210 16.45 -24.70 8.09
C LEU A 210 16.41 -26.16 7.64
N GLY A 211 16.98 -27.08 8.42
CA GLY A 211 16.87 -28.49 8.01
C GLY A 211 15.47 -29.10 7.93
N THR A 212 14.51 -28.54 8.62
CA THR A 212 13.30 -29.29 8.87
C THR A 212 12.03 -28.53 8.51
N GLN A 213 11.98 -27.22 8.75
CA GLN A 213 10.79 -26.45 8.43
C GLN A 213 10.78 -26.22 6.91
N THR A 214 9.65 -26.51 6.25
CA THR A 214 9.48 -26.22 4.83
C THR A 214 8.98 -24.77 4.68
N TYR A 215 9.63 -24.02 3.80
CA TYR A 215 9.25 -22.62 3.49
C TYR A 215 8.82 -22.58 2.05
N ILE A 216 7.64 -22.07 1.75
CA ILE A 216 7.10 -21.98 0.37
C ILE A 216 6.58 -20.56 0.14
N CYS A 217 6.97 -19.90 -0.94
CA CYS A 217 6.36 -18.57 -1.22
C CYS A 217 5.18 -18.76 -2.19
N ASN A 218 4.03 -18.23 -1.83
CA ASN A 218 2.85 -18.32 -2.72
C ASN A 218 2.71 -17.00 -3.48
N VAL A 219 2.96 -17.00 -4.78
CA VAL A 219 2.91 -15.77 -5.61
C VAL A 219 1.60 -15.79 -6.43
N ASN A 220 0.92 -14.68 -6.57
CA ASN A 220 -0.29 -14.60 -7.41
C ASN A 220 -0.24 -13.34 -8.26
N HIS A 221 -0.26 -13.48 -9.57
CA HIS A 221 -0.32 -12.34 -10.45
C HIS A 221 -1.61 -12.49 -11.26
N LYS A 222 -2.67 -11.89 -10.75
CA LYS A 222 -4.00 -12.05 -11.35
C LYS A 222 -4.10 -11.54 -12.79
N PRO A 223 -3.54 -10.38 -13.15
CA PRO A 223 -3.59 -9.99 -14.57
C PRO A 223 -3.07 -11.00 -15.58
N SER A 224 -2.00 -11.76 -15.30
CA SER A 224 -1.55 -12.79 -16.22
C SER A 224 -2.10 -14.16 -15.88
N ASN A 225 -2.99 -14.27 -14.90
CA ASN A 225 -3.43 -15.58 -14.39
C ASN A 225 -2.26 -16.49 -14.01
N THR A 226 -1.22 -15.93 -13.37
CA THR A 226 -0.04 -16.68 -12.97
C THR A 226 -0.12 -16.88 -11.45
N LYS A 227 -0.12 -18.13 -11.03
CA LYS A 227 -0.09 -18.49 -9.63
C LYS A 227 1.01 -19.52 -9.46
N VAL A 228 1.89 -19.33 -8.49
CA VAL A 228 3.05 -20.16 -8.30
C VAL A 228 3.27 -20.37 -6.81
N ASP A 229 3.59 -21.62 -6.45
CA ASP A 229 4.07 -21.96 -5.09
C ASP A 229 5.51 -22.50 -5.23
N LYS A 230 6.47 -21.83 -4.61
CA LYS A 230 7.89 -22.10 -4.81
C LYS A 230 8.51 -22.46 -3.46
N LYS A 231 9.02 -23.65 -3.36
CA LYS A 231 9.68 -24.08 -2.15
C LYS A 231 11.11 -23.57 -2.16
N VAL A 232 11.53 -22.99 -1.05
CA VAL A 232 12.83 -22.36 -0.96
C VAL A 232 13.69 -23.23 -0.02
N GLU A 233 14.79 -23.74 -0.54
CA GLU A 233 15.54 -24.77 0.19
C GLU A 233 16.98 -24.32 0.39
N PRO A 234 17.63 -24.66 1.52
CA PRO A 234 19.07 -24.42 1.63
C PRO A 234 19.78 -25.20 0.55
N LYS A 235 20.92 -24.69 0.10
CA LYS A 235 21.64 -25.40 -0.99
C LYS A 235 22.88 -26.17 -0.46
N ASP B 1 -14.33 24.27 -5.85
CA ASP B 1 -14.28 23.14 -4.89
C ASP B 1 -13.58 23.56 -3.60
N ILE B 2 -13.96 22.95 -2.47
CA ILE B 2 -13.30 23.25 -1.21
C ILE B 2 -11.89 22.69 -1.25
N VAL B 3 -10.90 23.53 -0.88
CA VAL B 3 -9.48 23.16 -0.78
C VAL B 3 -9.17 22.82 0.67
N MET B 4 -8.63 21.63 0.95
CA MET B 4 -8.33 21.22 2.32
C MET B 4 -6.83 21.22 2.49
N THR B 5 -6.32 21.87 3.51
CA THR B 5 -4.87 21.86 3.68
C THR B 5 -4.52 21.40 5.10
N GLN B 6 -3.51 20.56 5.23
CA GLN B 6 -3.16 19.95 6.49
C GLN B 6 -1.71 20.29 6.79
N THR B 7 -1.39 20.35 8.07
CA THR B 7 -0.02 20.54 8.50
C THR B 7 0.22 19.85 9.84
N PRO B 8 1.42 19.29 10.06
CA PRO B 8 2.56 19.12 9.17
C PRO B 8 2.27 17.96 8.23
N LEU B 9 2.99 17.83 7.14
CA LEU B 9 2.90 16.68 6.25
C LEU B 9 3.70 15.48 6.75
N SER B 10 4.69 15.68 7.60
CA SER B 10 5.37 14.61 8.34
C SER B 10 5.38 14.90 9.84
N LEU B 11 5.07 13.89 10.61
CA LEU B 11 4.96 13.98 12.08
C LEU B 11 5.70 12.83 12.76
N PRO B 12 6.96 13.02 13.11
CA PRO B 12 7.65 12.04 13.95
C PRO B 12 7.28 12.22 15.44
N VAL B 13 6.97 11.12 16.11
CA VAL B 13 6.54 11.18 17.48
C VAL B 13 7.01 9.89 18.17
N THR B 14 7.37 10.03 19.43
CA THR B 14 7.80 8.93 20.30
C THR B 14 6.60 8.31 20.99
N PRO B 15 6.49 6.98 21.02
CA PRO B 15 5.32 6.35 21.65
C PRO B 15 5.25 6.88 23.06
N GLY B 16 4.03 7.14 23.49
CA GLY B 16 3.74 7.67 24.79
C GLY B 16 3.59 9.17 24.87
N GLU B 17 4.11 9.85 23.83
CA GLU B 17 4.03 11.33 23.75
C GLU B 17 2.85 11.75 22.84
N PRO B 18 2.21 12.92 23.09
CA PRO B 18 1.02 13.36 22.34
C PRO B 18 1.42 13.83 20.95
N ALA B 19 0.40 13.93 20.07
CA ALA B 19 0.58 14.39 18.68
C ALA B 19 -0.65 15.20 18.29
N SER B 20 -0.52 16.14 17.36
CA SER B 20 -1.70 16.79 16.79
C SER B 20 -1.43 17.12 15.33
N ILE B 21 -2.50 17.17 14.56
CA ILE B 21 -2.49 17.43 13.13
C ILE B 21 -3.53 18.50 12.89
N SER B 22 -3.17 19.56 12.17
CA SER B 22 -4.13 20.65 11.86
C SER B 22 -4.70 20.51 10.43
N CYS B 23 -5.96 20.87 10.22
CA CYS B 23 -6.57 20.89 8.85
C CYS B 23 -7.26 22.25 8.69
N ARG B 24 -7.28 22.82 7.50
CA ARG B 24 -7.90 24.14 7.24
C ARG B 24 -8.69 24.08 5.92
N SER B 25 -9.97 24.40 5.96
CA SER B 25 -10.78 24.42 4.72
C SER B 25 -10.75 25.80 4.06
N SER B 26 -10.90 25.89 2.74
CA SER B 26 -11.07 27.17 2.07
C SER B 26 -12.43 27.82 2.32
N GLN B 27 -13.42 27.04 2.79
CA GLN B 27 -14.76 27.53 3.10
C GLN B 27 -15.21 26.84 4.36
N SER B 28 -16.27 27.37 4.95
CA SER B 28 -16.89 26.85 6.17
C SER B 28 -17.55 25.49 5.93
N LEU B 29 -17.37 24.57 6.87
CA LEU B 29 -17.95 23.26 6.81
C LEU B 29 -19.12 23.12 7.73
N LEU B 30 -19.56 24.24 8.34
CA LEU B 30 -20.75 24.26 9.19
C LEU B 30 -22.02 24.24 8.34
N ASP B 31 -22.93 23.30 8.65
CA ASP B 31 -24.32 23.33 8.21
C ASP B 31 -25.18 23.74 9.41
N SER B 32 -25.25 25.05 9.64
CA SER B 32 -26.16 25.70 10.64
C SER B 32 -27.25 24.85 11.28
N GLY B 35 -27.46 21.22 12.14
CA GLY B 35 -26.52 21.72 13.17
C GLY B 35 -25.17 20.95 13.24
N ASN B 36 -24.66 20.52 12.10
CA ASN B 36 -23.45 19.71 12.07
C ASN B 36 -22.39 20.36 11.21
N THR B 37 -21.14 19.96 11.47
CA THR B 37 -19.95 20.38 10.73
C THR B 37 -19.33 19.12 10.11
N TYR B 38 -19.24 19.08 8.77
CA TYR B 38 -18.93 17.88 7.99
C TYR B 38 -17.44 17.86 7.67
N LEU B 39 -16.69 17.46 8.69
CA LEU B 39 -15.23 17.32 8.63
C LEU B 39 -14.89 16.00 9.30
N ASP B 40 -14.16 15.15 8.57
CA ASP B 40 -13.83 13.79 8.99
C ASP B 40 -12.32 13.64 8.94
N TRP B 41 -11.85 12.64 9.68
CA TRP B 41 -10.45 12.16 9.68
C TRP B 41 -10.48 10.69 9.30
N TYR B 42 -9.59 10.31 8.35
CA TYR B 42 -9.32 8.92 7.93
C TYR B 42 -7.83 8.57 8.18
N LEU B 43 -7.61 7.35 8.60
CA LEU B 43 -6.30 6.72 8.85
C LEU B 43 -6.08 5.70 7.76
N GLN B 44 -4.94 5.75 7.12
CA GLN B 44 -4.52 4.70 6.19
C GLN B 44 -3.23 4.07 6.75
N ARG B 45 -3.36 2.89 7.34
CA ARG B 45 -2.22 2.12 7.83
C ARG B 45 -1.43 1.56 6.64
N PRO B 46 -0.13 1.23 6.82
CA PRO B 46 0.66 0.73 5.69
C PRO B 46 0.02 -0.51 5.10
N GLY B 47 -0.12 -0.51 3.75
CA GLY B 47 -0.66 -1.62 2.98
C GLY B 47 -2.16 -1.81 3.11
N GLN B 48 -2.88 -0.88 3.71
CA GLN B 48 -4.32 -1.05 3.94
C GLN B 48 -5.08 0.05 3.22
N SER B 49 -6.38 -0.07 3.07
CA SER B 49 -7.12 1.12 2.64
C SER B 49 -7.47 2.06 3.81
N PRO B 50 -7.87 3.30 3.48
CA PRO B 50 -8.34 4.23 4.48
C PRO B 50 -9.48 3.62 5.27
N GLN B 51 -9.53 4.01 6.53
CA GLN B 51 -10.62 3.74 7.44
C GLN B 51 -11.00 5.03 8.13
N LEU B 52 -12.27 5.10 8.47
CA LEU B 52 -12.79 6.27 9.15
C LEU B 52 -12.26 6.28 10.55
N LEU B 53 -11.73 7.40 10.98
CA LEU B 53 -11.30 7.52 12.39
C LEU B 53 -12.23 8.39 13.27
N ILE B 54 -12.52 9.60 12.79
CA ILE B 54 -13.41 10.56 13.43
C ILE B 54 -14.32 11.13 12.37
N TYR B 55 -15.57 11.41 12.73
CA TYR B 55 -16.56 12.00 11.79
C TYR B 55 -17.29 13.18 12.43
N GLU B 56 -17.68 14.15 11.61
CA GLU B 56 -18.43 15.32 12.12
C GLU B 56 -17.57 16.04 13.18
N VAL B 57 -16.27 16.13 12.94
CA VAL B 57 -15.31 16.90 13.78
C VAL B 57 -14.85 16.16 15.04
N SER B 58 -15.73 15.47 15.77
CA SER B 58 -15.32 15.01 17.11
C SER B 58 -15.88 13.65 17.48
N ASN B 59 -16.67 13.02 16.62
CA ASN B 59 -17.21 11.70 16.92
C ASN B 59 -16.27 10.59 16.48
N ARG B 60 -15.94 9.67 17.40
CA ARG B 60 -15.05 8.54 17.11
C ARG B 60 -15.85 7.43 16.43
N ALA B 61 -15.32 6.88 15.33
CA ALA B 61 -15.95 5.72 14.71
C ALA B 61 -15.80 4.54 15.64
N SER B 62 -16.53 3.47 15.30
CA SER B 62 -16.50 2.27 16.15
C SER B 62 -15.08 1.75 16.28
N GLY B 63 -14.70 1.34 17.48
CA GLY B 63 -13.37 0.76 17.70
C GLY B 63 -12.23 1.79 17.91
N VAL B 64 -12.48 3.08 17.78
CA VAL B 64 -11.45 4.10 17.93
C VAL B 64 -11.35 4.49 19.41
N PRO B 65 -10.21 4.30 20.07
CA PRO B 65 -10.11 4.61 21.49
C PRO B 65 -10.02 6.12 21.73
N ASP B 66 -10.31 6.50 22.96
CA ASP B 66 -10.53 7.92 23.25
C ASP B 66 -9.23 8.69 23.39
N ARG B 67 -8.07 8.04 23.26
CA ARG B 67 -6.84 8.82 23.08
C ARG B 67 -6.83 9.65 21.78
N PHE B 68 -7.63 9.29 20.78
CA PHE B 68 -7.94 10.13 19.65
C PHE B 68 -9.08 11.07 19.98
N SER B 69 -8.97 12.34 19.61
CA SER B 69 -10.10 13.29 19.67
C SER B 69 -9.96 14.29 18.52
N GLY B 70 -11.08 14.83 18.08
CA GLY B 70 -11.08 15.94 17.13
C GLY B 70 -11.82 17.15 17.68
N SER B 71 -11.35 18.33 17.28
CA SER B 71 -11.98 19.56 17.67
C SER B 71 -11.87 20.53 16.51
N GLY B 72 -12.57 21.64 16.62
CA GLY B 72 -12.36 22.73 15.67
C GLY B 72 -13.69 23.44 15.44
N SER B 73 -13.69 24.43 14.57
CA SER B 73 -15.00 24.77 14.05
C SER B 73 -14.86 25.60 12.82
N ASP B 74 -15.90 25.56 11.98
CA ASP B 74 -15.96 26.40 10.80
C ASP B 74 -14.93 26.00 9.75
N THR B 75 -13.69 26.49 9.87
CA THR B 75 -12.64 26.29 8.89
C THR B 75 -11.29 25.82 9.46
N ASP B 76 -11.14 25.66 10.79
CA ASP B 76 -9.87 25.23 11.39
C ASP B 76 -10.13 24.08 12.35
N PHE B 77 -9.37 22.99 12.20
CA PHE B 77 -9.69 21.73 12.86
C PHE B 77 -8.37 21.10 13.31
N THR B 78 -8.47 20.23 14.30
CA THR B 78 -7.29 19.62 14.89
C THR B 78 -7.68 18.21 15.26
N LEU B 79 -6.84 17.27 14.83
CA LEU B 79 -6.88 15.89 15.29
C LEU B 79 -5.81 15.77 16.39
N LYS B 80 -6.16 15.20 17.52
CA LYS B 80 -5.21 15.05 18.61
C LYS B 80 -5.12 13.61 19.09
N VAL B 81 -3.92 13.15 19.44
CA VAL B 81 -3.74 11.85 20.05
C VAL B 81 -3.08 12.17 21.39
N SER B 82 -3.67 11.74 22.50
CA SER B 82 -3.09 12.19 23.76
C SER B 82 -1.87 11.36 24.09
N ARG B 83 -1.83 10.12 23.58
CA ARG B 83 -0.67 9.25 23.82
C ARG B 83 -0.52 8.37 22.58
N VAL B 84 0.56 8.53 21.80
CA VAL B 84 0.78 7.75 20.58
C VAL B 84 1.31 6.36 20.94
N GLU B 85 0.92 5.38 20.12
CA GLU B 85 1.42 4.00 20.23
C GLU B 85 2.10 3.66 18.88
N ALA B 86 3.02 2.70 18.87
CA ALA B 86 3.76 2.30 17.65
C ALA B 86 2.80 1.86 16.53
N GLU B 87 1.63 1.34 16.90
CA GLU B 87 0.68 0.81 15.90
C GLU B 87 -0.05 1.97 15.19
N ASP B 88 0.09 3.19 15.66
CA ASP B 88 -0.51 4.38 15.03
C ASP B 88 0.19 4.73 13.73
N VAL B 89 1.31 4.11 13.37
CA VAL B 89 1.98 4.51 12.13
C VAL B 89 0.99 4.41 10.93
N GLY B 90 1.04 5.43 10.07
CA GLY B 90 0.11 5.54 8.96
C GLY B 90 0.05 6.96 8.44
N VAL B 91 -0.90 7.18 7.52
CA VAL B 91 -1.12 8.48 6.90
C VAL B 91 -2.54 8.88 7.28
N TYR B 92 -2.66 10.06 7.88
CA TYR B 92 -3.97 10.57 8.39
C TYR B 92 -4.47 11.65 7.43
N TYR B 93 -5.73 11.64 7.05
CA TYR B 93 -6.25 12.59 6.04
C TYR B 93 -7.47 13.29 6.58
N CYS B 94 -7.56 14.61 6.41
CA CYS B 94 -8.83 15.25 6.75
C CYS B 94 -9.69 15.20 5.48
N MET B 95 -11.00 15.25 5.61
CA MET B 95 -11.91 15.23 4.45
C MET B 95 -13.14 16.08 4.75
N GLN B 96 -13.51 16.95 3.85
CA GLN B 96 -14.76 17.72 4.02
C GLN B 96 -15.85 17.03 3.25
N GLY B 97 -16.99 16.92 3.90
CA GLY B 97 -18.20 16.43 3.26
C GLY B 97 -19.36 17.42 3.20
N ILE B 98 -19.10 18.73 3.26
CA ILE B 98 -20.24 19.65 3.15
C ILE B 98 -20.71 19.81 1.71
N GLN B 99 -19.82 19.63 0.72
CA GLN B 99 -20.07 19.94 -0.70
C GLN B 99 -19.42 18.92 -1.62
N LEU B 100 -20.17 18.38 -2.59
CA LEU B 100 -19.56 17.56 -3.62
C LEU B 100 -18.77 18.44 -4.58
N PRO B 101 -17.55 18.01 -5.01
CA PRO B 101 -16.87 16.75 -4.67
C PRO B 101 -16.30 16.75 -3.22
N TYR B 102 -16.41 15.64 -2.49
CA TYR B 102 -15.67 15.56 -1.24
C TYR B 102 -14.21 15.76 -1.60
N SER B 103 -13.47 16.48 -0.75
CA SER B 103 -12.04 16.69 -1.00
C SER B 103 -11.28 16.39 0.28
N PHE B 104 -10.05 15.91 0.08
CA PHE B 104 -9.13 15.46 1.11
C PHE B 104 -7.99 16.45 1.26
N GLY B 105 -7.45 16.58 2.47
CA GLY B 105 -6.17 17.18 2.65
C GLY B 105 -5.08 16.24 2.09
N GLN B 106 -3.84 16.74 2.08
CA GLN B 106 -2.73 16.02 1.40
C GLN B 106 -2.31 14.75 2.15
N GLY B 107 -2.66 14.61 3.43
CA GLY B 107 -2.19 13.48 4.25
C GLY B 107 -1.00 13.87 5.14
N THR B 108 -1.04 13.47 6.41
CA THR B 108 0.09 13.57 7.34
C THR B 108 0.65 12.15 7.65
N LYS B 109 1.91 11.91 7.35
CA LYS B 109 2.58 10.63 7.61
C LYS B 109 3.13 10.69 9.03
N VAL B 110 2.60 9.87 9.92
CA VAL B 110 3.10 9.72 11.27
C VAL B 110 4.20 8.68 11.22
N GLU B 111 5.39 9.04 11.70
CA GLU B 111 6.57 8.22 11.81
C GLU B 111 6.87 8.03 13.30
N ILE B 112 7.08 6.80 13.71
CA ILE B 112 7.30 6.47 15.12
C ILE B 112 8.82 6.54 15.35
N LYS B 113 9.27 7.40 16.30
CA LYS B 113 10.66 7.44 16.73
C LYS B 113 10.98 6.30 17.69
N ARG B 114 12.18 5.75 17.59
CA ARG B 114 12.57 4.67 18.46
C ARG B 114 14.07 4.77 18.57
N THR B 115 14.65 3.89 19.33
CA THR B 115 16.11 3.85 19.46
C THR B 115 16.79 3.36 18.18
N VAL B 116 18.03 3.82 17.96
CA VAL B 116 18.80 3.39 16.78
C VAL B 116 18.92 1.87 16.80
N ALA B 117 18.74 1.25 15.64
CA ALA B 117 18.84 -0.20 15.48
C ALA B 117 19.62 -0.46 14.20
N ALA B 118 20.78 -1.06 14.34
CA ALA B 118 21.59 -1.44 13.19
C ALA B 118 20.90 -2.53 12.38
N PRO B 119 21.08 -2.54 11.08
CA PRO B 119 20.50 -3.61 10.27
C PRO B 119 21.24 -4.91 10.45
N SER B 120 20.54 -6.01 10.30
CA SER B 120 21.23 -7.25 9.95
C SER B 120 21.32 -7.33 8.43
N VAL B 121 22.49 -7.75 7.91
CA VAL B 121 22.73 -7.73 6.48
C VAL B 121 22.92 -9.14 5.99
N PHE B 122 22.29 -9.42 4.85
CA PHE B 122 22.31 -10.71 4.17
C PHE B 122 22.52 -10.53 2.68
N ILE B 123 23.38 -11.37 2.08
CA ILE B 123 23.56 -11.30 0.63
C ILE B 123 23.11 -12.62 0.00
N PHE B 124 22.53 -12.50 -1.18
CA PHE B 124 22.02 -13.67 -1.91
C PHE B 124 22.56 -13.69 -3.33
N PRO B 125 23.27 -14.76 -3.74
CA PRO B 125 23.67 -14.90 -5.12
C PRO B 125 22.48 -15.12 -6.02
N PRO B 126 22.62 -14.90 -7.30
CA PRO B 126 21.62 -15.43 -8.23
C PRO B 126 21.43 -16.92 -8.08
N SER B 127 20.17 -17.34 -8.14
CA SER B 127 19.82 -18.76 -8.09
C SER B 127 20.28 -19.47 -9.36
N ASP B 128 20.63 -20.75 -9.22
CA ASP B 128 20.89 -21.54 -10.43
C ASP B 128 19.68 -21.51 -11.37
N GLU B 129 18.46 -21.44 -10.78
CA GLU B 129 17.27 -21.33 -11.63
C GLU B 129 17.33 -20.09 -12.51
N GLN B 130 17.67 -18.95 -11.94
CA GLN B 130 17.66 -17.73 -12.75
C GLN B 130 18.78 -17.78 -13.79
N LEU B 131 19.95 -18.27 -13.39
CA LEU B 131 21.07 -18.33 -14.33
C LEU B 131 20.72 -19.19 -15.54
N LYS B 132 20.00 -20.28 -15.29
CA LYS B 132 19.50 -21.12 -16.39
C LYS B 132 18.60 -20.32 -17.33
N SER B 133 17.79 -19.40 -16.77
CA SER B 133 16.94 -18.50 -17.61
C SER B 133 17.72 -17.50 -18.45
N GLY B 134 18.99 -17.26 -18.15
CA GLY B 134 19.79 -16.28 -18.87
C GLY B 134 20.06 -14.94 -18.20
N THR B 135 19.58 -14.70 -16.96
CA THR B 135 19.80 -13.42 -16.24
C THR B 135 20.45 -13.64 -14.88
N ALA B 136 20.90 -12.57 -14.24
CA ALA B 136 21.49 -12.71 -12.91
C ALA B 136 21.14 -11.51 -12.06
N SER B 137 20.55 -11.77 -10.89
CA SER B 137 20.24 -10.74 -9.89
C SER B 137 20.95 -11.12 -8.61
N VAL B 138 21.69 -10.19 -8.05
CA VAL B 138 22.24 -10.31 -6.69
C VAL B 138 21.40 -9.45 -5.77
N VAL B 139 21.01 -9.99 -4.63
CA VAL B 139 20.15 -9.25 -3.66
C VAL B 139 20.86 -9.01 -2.31
N CYS B 140 20.85 -7.79 -1.81
CA CYS B 140 21.41 -7.45 -0.47
C CYS B 140 20.24 -7.02 0.41
N LEU B 141 20.01 -7.68 1.51
CA LEU B 141 18.88 -7.36 2.41
C LEU B 141 19.40 -6.64 3.66
N LEU B 142 18.85 -5.50 3.99
CA LEU B 142 19.16 -4.81 5.24
C LEU B 142 17.92 -4.97 6.09
N ASN B 143 18.02 -5.69 7.16
CA ASN B 143 16.79 -6.05 7.84
C ASN B 143 16.64 -5.34 9.19
N ASN B 144 15.45 -4.80 9.41
CA ASN B 144 14.92 -4.27 10.73
C ASN B 144 15.81 -3.20 11.35
N PHE B 145 15.94 -2.08 10.68
CA PHE B 145 16.85 -1.02 11.15
C PHE B 145 16.08 0.29 11.38
N TYR B 146 16.74 1.23 12.06
CA TYR B 146 16.18 2.54 12.37
C TYR B 146 17.34 3.47 12.70
N PRO B 147 17.38 4.68 12.18
CA PRO B 147 16.39 5.35 11.30
C PRO B 147 16.54 4.87 9.87
N ARG B 148 15.72 5.45 9.01
CA ARG B 148 15.57 4.98 7.63
C ARG B 148 16.84 5.16 6.78
N GLU B 149 17.64 6.20 7.02
CA GLU B 149 18.78 6.50 6.17
C GLU B 149 19.82 5.39 6.22
N ALA B 150 20.12 4.82 5.07
CA ALA B 150 21.11 3.74 4.97
C ALA B 150 21.74 3.95 3.62
N LYS B 151 23.01 3.51 3.50
CA LYS B 151 23.71 3.55 2.22
C LYS B 151 24.20 2.15 1.90
N VAL B 152 23.96 1.71 0.65
CA VAL B 152 24.39 0.39 0.20
C VAL B 152 25.28 0.63 -0.99
N GLN B 153 26.47 0.10 -0.94
CA GLN B 153 27.31 0.08 -2.14
C GLN B 153 27.63 -1.33 -2.61
N TRP B 154 27.58 -1.51 -3.91
CA TRP B 154 27.97 -2.78 -4.52
C TRP B 154 29.34 -2.79 -5.20
N LYS B 155 30.06 -3.87 -5.00
CA LYS B 155 31.37 -4.04 -5.58
C LYS B 155 31.43 -5.43 -6.21
N VAL B 156 31.98 -5.47 -7.44
CA VAL B 156 32.15 -6.72 -8.18
C VAL B 156 33.64 -6.80 -8.53
N ASP B 157 34.35 -7.76 -7.93
CA ASP B 157 35.84 -7.81 -8.01
C ASP B 157 36.46 -6.43 -7.77
N ASN B 158 35.98 -5.79 -6.70
CA ASN B 158 36.37 -4.44 -6.27
C ASN B 158 36.01 -3.27 -7.20
N ALA B 159 35.24 -3.50 -8.22
CA ALA B 159 34.72 -2.41 -9.00
C ALA B 159 33.37 -1.94 -8.44
N LEU B 160 33.32 -0.66 -8.15
CA LEU B 160 32.10 -0.02 -7.66
C LEU B 160 31.03 0.00 -8.76
N GLN B 161 29.86 -0.55 -8.43
CA GLN B 161 28.75 -0.57 -9.37
C GLN B 161 27.87 0.67 -9.30
N SER B 162 27.61 1.31 -10.45
CA SER B 162 26.95 2.61 -10.39
C SER B 162 25.88 2.58 -11.46
N GLY B 163 24.62 2.61 -11.06
CA GLY B 163 23.53 2.77 -12.00
C GLY B 163 22.84 1.49 -12.36
N ASN B 164 23.35 0.34 -11.91
CA ASN B 164 22.73 -0.93 -12.27
C ASN B 164 22.15 -1.66 -11.05
N SER B 165 21.81 -0.93 -10.01
CA SER B 165 21.11 -1.49 -8.85
C SER B 165 19.84 -0.70 -8.58
N GLN B 166 18.86 -1.32 -7.91
CA GLN B 166 17.65 -0.59 -7.48
C GLN B 166 17.31 -1.00 -6.06
N GLU B 167 16.77 -0.04 -5.31
CA GLU B 167 16.47 -0.21 -3.89
C GLU B 167 14.97 -0.11 -3.68
N SER B 168 14.46 -0.85 -2.70
CA SER B 168 13.09 -0.76 -2.22
C SER B 168 13.08 -0.84 -0.69
N VAL B 169 12.27 -0.01 -0.05
CA VAL B 169 12.26 0.07 1.42
C VAL B 169 10.85 -0.18 1.91
N THR B 170 10.70 -0.93 2.97
CA THR B 170 9.36 -1.11 3.55
C THR B 170 8.87 0.15 4.26
N GLU B 171 7.55 0.24 4.44
CA GLU B 171 6.98 1.14 5.43
C GLU B 171 7.31 0.68 6.84
N GLN B 172 7.27 1.64 7.74
CA GLN B 172 7.67 1.36 9.11
C GLN B 172 6.79 0.23 9.69
N ASP B 173 7.44 -0.66 10.40
CA ASP B 173 6.72 -1.79 10.99
C ASP B 173 5.86 -1.31 12.14
N SER B 174 4.66 -1.87 12.27
CA SER B 174 3.70 -1.38 13.25
C SER B 174 3.99 -1.83 14.68
N LYS B 175 4.88 -2.81 14.90
CA LYS B 175 5.22 -3.26 16.25
C LYS B 175 6.59 -2.83 16.73
N ASP B 176 7.64 -2.92 15.90
CA ASP B 176 8.99 -2.58 16.31
C ASP B 176 9.50 -1.29 15.68
N SER B 177 8.71 -0.66 14.85
CA SER B 177 8.99 0.65 14.29
C SER B 177 10.26 0.64 13.47
N THR B 178 10.65 -0.50 12.91
CA THR B 178 11.82 -0.54 12.05
C THR B 178 11.43 -0.52 10.55
N TYR B 179 12.47 -0.37 9.73
CA TYR B 179 12.41 -0.43 8.28
C TYR B 179 13.25 -1.63 7.82
N SER B 180 12.93 -2.13 6.63
CA SER B 180 13.86 -3.05 5.95
C SER B 180 14.04 -2.56 4.52
N LEU B 181 15.14 -2.95 3.93
CA LEU B 181 15.55 -2.46 2.63
C LEU B 181 16.21 -3.58 1.79
N SER B 182 15.90 -3.62 0.52
CA SER B 182 16.48 -4.54 -0.42
C SER B 182 17.15 -3.70 -1.51
N SER B 183 18.36 -4.14 -1.92
CA SER B 183 19.06 -3.60 -3.06
C SER B 183 19.35 -4.77 -3.99
N THR B 184 18.91 -4.63 -5.23
CA THR B 184 19.10 -5.66 -6.26
C THR B 184 20.04 -5.15 -7.34
N LEU B 185 21.13 -5.86 -7.49
CA LEU B 185 22.12 -5.60 -8.57
C LEU B 185 21.80 -6.49 -9.75
N THR B 186 21.59 -5.91 -10.94
CA THR B 186 21.31 -6.65 -12.15
C THR B 186 22.54 -6.75 -13.02
N LEU B 187 22.89 -7.99 -13.40
CA LEU B 187 24.02 -8.27 -14.30
C LEU B 187 23.58 -9.24 -15.40
N SER B 188 24.21 -9.19 -16.57
CA SER B 188 24.03 -10.30 -17.53
C SER B 188 24.71 -11.56 -16.98
N LYS B 189 24.22 -12.70 -17.43
CA LYS B 189 24.82 -13.96 -17.01
C LYS B 189 26.30 -14.02 -17.38
N ALA B 190 26.67 -13.62 -18.62
CA ALA B 190 28.10 -13.61 -18.99
C ALA B 190 28.93 -12.81 -18.02
N ASP B 191 28.49 -11.60 -17.63
CA ASP B 191 29.29 -10.82 -16.67
C ASP B 191 29.34 -11.47 -15.31
N TYR B 192 28.22 -12.02 -14.83
CA TYR B 192 28.28 -12.67 -13.53
C TYR B 192 29.33 -13.78 -13.54
N GLU B 193 29.33 -14.59 -14.63
CA GLU B 193 30.23 -15.76 -14.72
C GLU B 193 31.70 -15.37 -14.93
N LYS B 194 32.00 -14.17 -15.38
CA LYS B 194 33.36 -13.67 -15.50
C LYS B 194 33.97 -13.20 -14.18
N HIS B 195 33.19 -12.86 -13.16
CA HIS B 195 33.78 -12.23 -11.99
C HIS B 195 33.57 -13.16 -10.82
N LYS B 196 34.33 -12.92 -9.78
CA LYS B 196 34.43 -13.83 -8.66
C LYS B 196 33.84 -13.30 -7.37
N VAL B 197 34.21 -12.11 -6.89
CA VAL B 197 33.79 -11.66 -5.57
C VAL B 197 32.69 -10.61 -5.69
N TYR B 198 31.58 -10.86 -5.01
CA TYR B 198 30.38 -10.00 -5.03
C TYR B 198 30.21 -9.52 -3.59
N ALA B 199 30.08 -8.23 -3.39
CA ALA B 199 30.00 -7.66 -2.03
C ALA B 199 29.03 -6.49 -1.90
N CYS B 200 28.27 -6.44 -0.82
CA CYS B 200 27.43 -5.24 -0.55
C CYS B 200 27.98 -4.62 0.75
N GLU B 201 28.34 -3.35 0.71
CA GLU B 201 28.84 -2.64 1.91
C GLU B 201 27.73 -1.73 2.44
N VAL B 202 27.38 -1.84 3.70
CA VAL B 202 26.25 -1.07 4.26
C VAL B 202 26.77 -0.02 5.25
N THR B 203 26.32 1.22 5.15
CA THR B 203 26.66 2.27 6.10
C THR B 203 25.39 2.70 6.78
N HIS B 204 25.35 2.74 8.09
CA HIS B 204 24.17 3.10 8.86
C HIS B 204 24.65 3.63 10.20
N GLN B 205 23.82 4.51 10.76
CA GLN B 205 24.09 5.20 12.02
C GLN B 205 24.33 4.20 13.12
N GLY B 206 23.61 3.08 13.09
CA GLY B 206 23.79 2.05 14.08
C GLY B 206 25.04 1.19 13.96
N LEU B 207 25.89 1.37 12.95
CA LEU B 207 27.05 0.55 12.71
C LEU B 207 28.26 1.42 13.01
N SER B 208 29.20 0.89 13.81
CA SER B 208 30.36 1.69 14.19
C SER B 208 31.28 1.89 13.00
N SER B 209 31.35 0.91 12.12
CA SER B 209 31.93 1.05 10.79
C SER B 209 31.09 0.25 9.78
N PRO B 210 31.24 0.53 8.50
CA PRO B 210 30.42 -0.18 7.51
C PRO B 210 30.63 -1.68 7.56
N VAL B 211 29.56 -2.38 7.26
CA VAL B 211 29.55 -3.84 7.28
C VAL B 211 29.55 -4.30 5.84
N THR B 212 30.41 -5.29 5.52
CA THR B 212 30.42 -5.93 4.20
C THR B 212 30.02 -7.40 4.31
N LYS B 213 29.06 -7.82 3.47
CA LYS B 213 28.70 -9.20 3.25
C LYS B 213 29.08 -9.54 1.81
N SER B 214 29.73 -10.67 1.61
CA SER B 214 30.22 -10.98 0.28
C SER B 214 30.19 -12.48 0.11
N PHE B 215 30.38 -12.91 -1.12
CA PHE B 215 30.50 -14.31 -1.46
C PHE B 215 31.35 -14.39 -2.71
N ASN B 216 31.91 -15.58 -2.93
CA ASN B 216 32.71 -15.91 -4.11
C ASN B 216 31.87 -16.78 -5.00
N ARG B 217 31.67 -16.34 -6.26
CA ARG B 217 30.89 -17.16 -7.19
C ARG B 217 31.44 -18.58 -7.18
N GLY B 218 30.58 -19.58 -6.99
CA GLY B 218 30.96 -20.97 -7.02
C GLY B 218 31.25 -21.63 -5.67
N GLU B 219 31.75 -20.89 -4.68
CA GLU B 219 32.03 -21.54 -3.39
C GLU B 219 30.77 -21.97 -2.65
#